data_4RZL
#
_entry.id   4RZL
#
_cell.length_a   82.037
_cell.length_b   82.037
_cell.length_c   152.829
_cell.angle_alpha   90.000
_cell.angle_beta   90.000
_cell.angle_gamma   120.000
#
_symmetry.space_group_name_H-M   'P 61'
#
loop_
_entity.id
_entity.type
_entity.pdbx_description
1 polymer 'Restriction endonuclease LpnPI'
2 non-polymer 'PENTAETHYLENE GLYCOL'
3 water water
#
_entity_poly.entity_id   1
_entity_poly.type   'polypeptide(L)'
_entity_poly.pdbx_seq_one_letter_code
;MGHHHHHHGKIYSFDTLANADLIIDAVYEGGSSGNASDDPISKIIKGIGNMGGFRSAGQGIFKKLIVLYTNMEDGDWPDS
IDTSKGQFIYYGDNKHPGHDIHDTPRQGNATLKMLFDSTHNEKDARRIVPPIFIFVKYPTASSSRSVQFKGVAVPGYPGL
SATDDLIAVWKTTNGQRFQNYRAIFTILNIPMVSRKWINSLFDPFGQDNSLNPFYQWKISGKADVLIAPSTK
;
_entity_poly.pdbx_strand_id   A,B
#
# COMPACT_ATOMS: atom_id res chain seq x y z
N HIS A 6 -7.16 4.01 -6.14
CA HIS A 6 -5.82 3.92 -5.55
C HIS A 6 -5.17 2.57 -5.87
N HIS A 7 -4.07 2.63 -6.61
CA HIS A 7 -3.31 1.45 -7.02
C HIS A 7 -2.08 1.20 -6.15
N HIS A 8 -1.79 -0.08 -5.94
CA HIS A 8 -0.66 -0.47 -5.12
C HIS A 8 0.39 -1.22 -5.94
N GLY A 9 1.66 -1.00 -5.62
CA GLY A 9 2.75 -1.79 -6.19
C GLY A 9 2.72 -3.16 -5.55
N LYS A 10 3.65 -4.05 -5.92
CA LYS A 10 3.63 -5.40 -5.33
C LYS A 10 3.87 -5.36 -3.83
N ILE A 11 3.10 -6.15 -3.09
CA ILE A 11 3.27 -6.31 -1.66
C ILE A 11 3.67 -7.73 -1.29
N TYR A 12 4.88 -7.88 -0.76
CA TYR A 12 5.43 -9.19 -0.34
C TYR A 12 5.07 -9.53 1.09
N SER A 13 4.37 -10.62 1.30
CA SER A 13 4.06 -11.07 2.66
C SER A 13 5.34 -11.57 3.33
N PHE A 14 5.34 -11.55 4.65
CA PHE A 14 6.54 -11.81 5.44
C PHE A 14 7.13 -13.19 5.16
N ASP A 15 6.30 -14.16 4.83
CA ASP A 15 6.84 -15.49 4.61
C ASP A 15 7.32 -15.69 3.17
N THR A 16 7.25 -14.65 2.34
CA THR A 16 7.79 -14.73 0.97
C THR A 16 9.07 -13.93 0.77
N LEU A 17 9.60 -13.35 1.85
CA LEU A 17 10.73 -12.43 1.76
C LEU A 17 12.07 -13.09 1.40
N ALA A 18 12.27 -14.32 1.86
CA ALA A 18 13.59 -14.95 1.74
C ALA A 18 14.07 -15.19 0.30
N ASN A 19 13.15 -15.36 -0.65
CA ASN A 19 13.59 -15.54 -2.04
C ASN A 19 13.05 -14.42 -2.96
N ALA A 20 12.60 -13.33 -2.36
CA ALA A 20 12.05 -12.21 -3.13
C ALA A 20 13.13 -11.47 -3.94
N ASP A 21 12.72 -10.88 -5.05
CA ASP A 21 13.53 -9.87 -5.72
C ASP A 21 13.28 -8.52 -5.03
N LEU A 22 14.24 -7.61 -5.13
CA LEU A 22 14.03 -6.24 -4.68
C LEU A 22 13.54 -5.35 -5.85
N ILE A 23 12.31 -4.89 -5.73
CA ILE A 23 11.64 -4.15 -6.80
C ILE A 23 11.33 -2.72 -6.37
N ILE A 24 11.63 -1.75 -7.24
CA ILE A 24 11.41 -0.33 -6.95
C ILE A 24 10.00 -0.08 -6.41
N ASP A 25 9.96 0.46 -5.20
CA ASP A 25 8.75 0.86 -4.49
C ASP A 25 7.81 -0.29 -4.13
N ALA A 26 8.28 -1.52 -4.24
CA ALA A 26 7.51 -2.66 -3.73
C ALA A 26 7.58 -2.63 -2.21
N VAL A 27 6.57 -3.19 -1.55
CA VAL A 27 6.49 -3.21 -0.09
C VAL A 27 6.78 -4.60 0.45
N TYR A 28 7.57 -4.66 1.51
CA TYR A 28 7.99 -5.92 2.08
C TYR A 28 7.55 -5.98 3.54
N GLU A 29 6.61 -6.87 3.82
CA GLU A 29 5.95 -6.90 5.12
C GLU A 29 6.81 -7.53 6.20
N GLY A 30 6.80 -6.90 7.37
CA GLY A 30 7.51 -7.41 8.53
C GLY A 30 6.75 -8.50 9.27
N GLY A 31 7.39 -9.09 10.28
CA GLY A 31 6.78 -10.16 11.05
C GLY A 31 5.77 -9.66 12.07
N SER A 32 5.21 -10.61 12.82
CA SER A 32 4.15 -10.32 13.78
C SER A 32 4.46 -10.88 15.17
N SER A 33 5.63 -11.50 15.32
CA SER A 33 6.07 -12.10 16.58
C SER A 33 6.22 -11.06 17.70
N GLY A 34 6.37 -9.81 17.30
CA GLY A 34 6.58 -8.72 18.25
C GLY A 34 8.04 -8.47 18.53
N ASN A 35 8.86 -9.49 18.35
CA ASN A 35 10.31 -9.41 18.61
C ASN A 35 11.18 -8.90 17.43
N ALA A 36 12.49 -9.03 17.57
CA ALA A 36 13.43 -8.44 16.62
C ALA A 36 13.43 -9.12 15.24
N SER A 37 13.19 -10.43 15.23
CA SER A 37 13.23 -11.21 13.99
C SER A 37 12.13 -10.83 12.99
N ASP A 38 11.19 -9.99 13.43
CA ASP A 38 10.14 -9.46 12.57
C ASP A 38 10.65 -8.49 11.51
N ASP A 39 11.92 -8.12 11.61
CA ASP A 39 12.53 -7.18 10.67
C ASP A 39 12.57 -7.76 9.25
N PRO A 40 11.88 -7.10 8.31
CA PRO A 40 11.86 -7.64 6.95
C PRO A 40 13.19 -7.54 6.22
N ILE A 41 13.96 -6.48 6.46
CA ILE A 41 15.20 -6.28 5.73
C ILE A 41 16.20 -7.44 5.91
N SER A 42 16.41 -7.89 7.14
CA SER A 42 17.38 -8.95 7.39
C SER A 42 16.90 -10.31 6.86
N LYS A 43 15.59 -10.46 6.66
CA LYS A 43 15.08 -11.69 6.06
C LYS A 43 15.31 -11.71 4.54
N ILE A 44 15.14 -10.56 3.91
CA ILE A 44 15.37 -10.42 2.48
C ILE A 44 16.85 -10.62 2.13
N ILE A 45 17.71 -10.02 2.94
CA ILE A 45 19.13 -10.00 2.64
C ILE A 45 19.93 -10.65 3.76
N LYS A 46 20.38 -11.87 3.54
CA LYS A 46 21.23 -12.54 4.51
C LYS A 46 22.58 -11.84 4.57
N GLY A 47 23.03 -11.53 5.78
CA GLY A 47 24.29 -10.83 5.95
C GLY A 47 24.08 -9.43 6.49
N ILE A 48 22.83 -8.97 6.46
CA ILE A 48 22.45 -7.66 6.96
C ILE A 48 21.76 -7.81 8.31
N GLY A 49 22.17 -7.02 9.31
CA GLY A 49 21.60 -7.09 10.64
C GLY A 49 20.14 -6.67 10.68
N ASN A 50 19.48 -6.88 11.81
CA ASN A 50 18.05 -6.62 11.86
C ASN A 50 17.66 -5.32 12.55
N MET A 51 18.63 -4.43 12.77
CA MET A 51 18.37 -3.15 13.45
C MET A 51 19.28 -2.02 12.97
N GLY A 52 18.74 -0.80 12.95
CA GLY A 52 19.54 0.39 12.70
C GLY A 52 19.22 1.12 11.42
N GLY A 53 19.48 2.43 11.42
CA GLY A 53 19.29 3.27 10.26
C GLY A 53 20.41 3.05 9.25
N PHE A 54 21.51 2.51 9.74
CA PHE A 54 22.67 2.25 8.90
C PHE A 54 23.12 0.82 9.13
N ARG A 55 23.10 0.00 8.08
CA ARG A 55 23.49 -1.39 8.23
C ARG A 55 24.43 -1.79 7.10
N SER A 56 25.31 -2.75 7.37
CA SER A 56 26.25 -3.17 6.35
C SER A 56 26.52 -4.67 6.42
N ALA A 57 26.96 -5.22 5.30
CA ALA A 57 27.31 -6.63 5.20
C ALA A 57 28.75 -6.75 4.76
N GLY A 58 29.45 -7.71 5.35
CA GLY A 58 30.83 -7.95 4.99
C GLY A 58 31.77 -7.58 6.13
N GLN A 59 32.81 -8.37 6.30
CA GLN A 59 33.83 -8.08 7.29
C GLN A 59 34.97 -7.34 6.63
N GLY A 60 35.45 -6.30 7.31
CA GLY A 60 36.51 -5.46 6.78
C GLY A 60 36.07 -4.02 6.78
N ILE A 61 36.99 -3.11 6.45
CA ILE A 61 36.65 -1.70 6.39
C ILE A 61 35.78 -1.47 5.17
N PHE A 62 35.96 -2.30 4.14
CA PHE A 62 35.29 -2.12 2.85
C PHE A 62 34.19 -3.15 2.59
N LYS A 63 32.95 -2.71 2.80
CA LYS A 63 31.79 -3.58 2.84
C LYS A 63 31.34 -4.10 1.48
N LYS A 64 30.50 -5.13 1.51
CA LYS A 64 29.93 -5.72 0.30
C LYS A 64 28.62 -5.02 -0.08
N LEU A 65 27.94 -4.49 0.92
CA LEU A 65 26.63 -3.85 0.74
C LEU A 65 26.36 -2.94 1.90
N ILE A 66 25.76 -1.80 1.62
CA ILE A 66 25.24 -0.95 2.68
C ILE A 66 23.74 -0.76 2.53
N VAL A 67 23.02 -0.90 3.63
CA VAL A 67 21.60 -0.60 3.61
C VAL A 67 21.36 0.64 4.46
N LEU A 68 20.60 1.57 3.89
CA LEU A 68 20.15 2.75 4.61
C LEU A 68 18.67 2.62 4.87
N TYR A 69 18.28 2.80 6.11
CA TYR A 69 16.90 2.63 6.51
C TYR A 69 16.43 3.85 7.29
N THR A 70 15.28 4.39 6.89
CA THR A 70 14.75 5.53 7.59
C THR A 70 13.24 5.39 7.80
N ASN A 71 12.73 5.94 8.90
CA ASN A 71 11.31 5.85 9.17
C ASN A 71 10.54 7.05 8.60
N MET A 72 11.27 8.08 8.19
CA MET A 72 10.68 9.31 7.64
C MET A 72 9.63 9.98 8.56
N GLU A 73 9.74 9.75 9.86
CA GLU A 73 8.77 10.29 10.82
C GLU A 73 9.26 11.54 11.54
N ASP A 74 10.57 11.70 11.68
CA ASP A 74 11.12 12.81 12.46
C ASP A 74 11.39 14.06 11.64
N GLY A 75 10.65 15.13 11.94
CA GLY A 75 10.83 16.41 11.26
C GLY A 75 12.18 17.04 11.56
N ASP A 76 12.80 16.69 12.69
CA ASP A 76 14.11 17.24 13.01
C ASP A 76 15.18 16.71 12.07
N TRP A 77 15.05 15.45 11.63
CA TRP A 77 15.98 14.90 10.65
C TRP A 77 15.20 14.47 9.42
N PRO A 78 14.88 15.45 8.56
CA PRO A 78 13.93 15.20 7.47
C PRO A 78 14.49 14.39 6.28
N ASP A 79 14.72 13.08 6.44
CA ASP A 79 15.09 12.25 5.29
C ASP A 79 14.04 12.38 4.21
N SER A 80 14.46 12.40 2.94
CA SER A 80 13.48 12.54 1.87
C SER A 80 13.94 11.95 0.54
N ILE A 81 12.97 11.59 -0.29
CA ILE A 81 13.25 11.16 -1.65
C ILE A 81 12.53 12.11 -2.59
N ASP A 82 13.25 12.57 -3.61
CA ASP A 82 12.63 13.32 -4.69
C ASP A 82 12.53 12.39 -5.89
N THR A 83 11.34 11.86 -6.12
CA THR A 83 11.14 10.88 -7.19
C THR A 83 11.40 11.45 -8.57
N SER A 84 11.17 12.74 -8.76
CA SER A 84 11.35 13.36 -10.07
C SER A 84 12.84 13.55 -10.39
N LYS A 85 13.67 13.64 -9.36
CA LYS A 85 15.11 13.83 -9.54
C LYS A 85 15.92 12.57 -9.24
N GLY A 86 15.29 11.56 -8.66
CA GLY A 86 16.05 10.37 -8.25
C GLY A 86 17.11 10.74 -7.24
N GLN A 87 16.74 11.63 -6.32
CA GLN A 87 17.67 12.11 -5.30
C GLN A 87 17.18 11.76 -3.91
N PHE A 88 18.08 11.22 -3.09
CA PHE A 88 17.74 10.85 -1.72
C PHE A 88 18.54 11.67 -0.73
N ILE A 89 17.87 12.31 0.21
CA ILE A 89 18.56 13.05 1.26
C ILE A 89 18.44 12.29 2.56
N TYR A 90 19.59 12.02 3.17
CA TYR A 90 19.70 11.10 4.29
C TYR A 90 20.52 11.69 5.43
N TYR A 91 20.01 11.61 6.66
CA TYR A 91 20.75 12.15 7.81
C TYR A 91 21.46 11.04 8.57
N GLY A 92 22.60 11.35 9.09
CA GLY A 92 23.48 10.43 9.70
C GLY A 92 23.07 10.00 11.09
N ASP A 93 23.88 9.18 11.68
CA ASP A 93 23.59 8.51 12.86
C ASP A 93 24.07 9.21 14.17
N ASN A 94 24.25 10.46 14.16
CA ASN A 94 24.58 11.21 15.36
C ASN A 94 23.41 12.11 15.70
N LYS A 95 22.35 11.71 16.14
CA LYS A 95 21.12 12.40 16.30
C LYS A 95 20.87 13.01 17.71
N HIS A 96 21.76 12.74 18.64
CA HIS A 96 21.67 13.22 20.02
C HIS A 96 23.02 13.78 20.49
N PRO A 97 22.97 14.61 21.51
CA PRO A 97 24.19 15.05 22.16
C PRO A 97 24.92 13.87 22.77
N GLY A 98 26.21 13.90 22.75
CA GLY A 98 27.01 12.87 23.34
C GLY A 98 28.41 12.74 22.85
N HIS A 99 28.60 12.34 21.62
CA HIS A 99 29.89 12.07 21.08
C HIS A 99 30.10 12.94 19.87
N ASP A 100 31.30 13.12 19.39
CA ASP A 100 31.67 13.72 18.12
C ASP A 100 30.90 13.07 16.95
N ILE A 101 30.74 13.82 15.87
CA ILE A 101 29.97 13.41 14.70
C ILE A 101 30.38 12.03 14.19
N HIS A 102 31.66 11.68 14.30
CA HIS A 102 32.16 10.39 13.80
C HIS A 102 32.18 9.29 14.84
N ASP A 103 31.84 9.64 16.07
CA ASP A 103 31.90 8.69 17.19
C ASP A 103 30.50 8.11 17.46
N THR A 104 30.07 7.19 16.60
CA THR A 104 28.75 6.61 16.71
C THR A 104 28.87 5.10 16.75
N PRO A 105 27.95 4.42 17.44
CA PRO A 105 28.07 2.97 17.64
C PRO A 105 28.07 2.16 16.34
N ARG A 106 27.21 2.53 15.39
CA ARG A 106 27.14 1.81 14.12
C ARG A 106 28.11 2.37 13.08
N GLN A 107 28.80 3.45 13.43
CA GLN A 107 29.81 4.04 12.56
C GLN A 107 29.24 4.50 11.20
N GLY A 108 27.98 4.91 11.20
CA GLY A 108 27.33 5.38 9.99
C GLY A 108 28.04 6.61 9.45
N ASN A 109 28.24 7.61 10.31
CA ASN A 109 28.86 8.86 9.91
C ASN A 109 30.30 8.68 9.45
N ALA A 110 31.07 7.87 10.16
CA ALA A 110 32.45 7.61 9.73
C ALA A 110 32.46 6.95 8.34
N THR A 111 31.50 6.07 8.10
CA THR A 111 31.45 5.36 6.83
C THR A 111 30.98 6.31 5.71
N LEU A 112 29.98 7.15 6.02
CA LEU A 112 29.54 8.18 5.08
C LEU A 112 30.72 9.03 4.64
N LYS A 113 31.54 9.45 5.59
CA LYS A 113 32.68 10.28 5.21
C LYS A 113 33.62 9.53 4.26
N MET A 114 33.87 8.27 4.56
CA MET A 114 34.74 7.45 3.70
C MET A 114 34.18 7.29 2.29
N LEU A 115 32.88 7.02 2.21
CA LEU A 115 32.21 6.79 0.94
C LEU A 115 32.20 8.02 0.06
N PHE A 116 31.92 9.19 0.63
CA PHE A 116 31.91 10.41 -0.18
C PHE A 116 33.34 10.84 -0.56
N ASP A 117 34.29 10.68 0.35
CA ASP A 117 35.70 11.02 0.03
C ASP A 117 36.24 10.11 -1.09
N SER A 118 35.91 8.83 -1.04
CA SER A 118 36.25 7.91 -2.11
C SER A 118 35.63 8.37 -3.44
N THR A 119 34.38 8.77 -3.38
CA THR A 119 33.64 9.18 -4.58
C THR A 119 34.28 10.39 -5.25
N HIS A 120 34.81 11.30 -4.45
CA HIS A 120 35.40 12.53 -4.96
C HIS A 120 36.92 12.48 -5.01
N ASN A 121 37.49 11.32 -4.73
CA ASN A 121 38.94 11.20 -4.70
C ASN A 121 39.57 11.24 -6.09
N GLU A 122 40.74 11.86 -6.21
CA GLU A 122 41.43 11.96 -7.50
C GLU A 122 42.12 10.65 -7.86
N LYS A 123 42.44 9.85 -6.85
CA LYS A 123 43.03 8.54 -7.08
C LYS A 123 42.08 7.44 -6.60
N ASP A 124 41.96 6.37 -7.36
CA ASP A 124 41.13 5.22 -6.98
C ASP A 124 39.70 5.64 -6.68
N ALA A 125 39.16 6.55 -7.49
CA ALA A 125 37.83 7.11 -7.24
C ALA A 125 36.78 6.00 -7.17
N ARG A 126 35.94 6.08 -6.14
CA ARG A 126 34.79 5.18 -5.94
C ARG A 126 35.19 3.74 -5.65
N ARG A 127 36.49 3.48 -5.54
CA ARG A 127 36.98 2.11 -5.41
C ARG A 127 36.36 1.32 -4.25
N ILE A 128 36.20 1.96 -3.12
CA ILE A 128 35.73 1.24 -1.94
C ILE A 128 34.23 1.37 -1.74
N VAL A 129 33.56 2.05 -2.66
CA VAL A 129 32.12 2.26 -2.56
C VAL A 129 31.34 1.01 -2.96
N PRO A 130 30.57 0.45 -2.02
CA PRO A 130 29.72 -0.70 -2.31
C PRO A 130 28.34 -0.27 -2.80
N PRO A 131 27.55 -1.22 -3.29
CA PRO A 131 26.15 -0.90 -3.57
C PRO A 131 25.47 -0.41 -2.30
N ILE A 132 24.55 0.54 -2.46
CA ILE A 132 23.76 1.01 -1.33
C ILE A 132 22.29 0.75 -1.66
N PHE A 133 21.60 0.08 -0.73
CA PHE A 133 20.15 -0.13 -0.86
C PHE A 133 19.40 0.77 0.12
N ILE A 134 18.38 1.47 -0.37
CA ILE A 134 17.54 2.33 0.47
C ILE A 134 16.19 1.72 0.76
N PHE A 135 15.81 1.67 2.04
CA PHE A 135 14.46 1.25 2.45
C PHE A 135 13.84 2.34 3.31
N VAL A 136 12.53 2.53 3.19
CA VAL A 136 11.83 3.41 4.14
C VAL A 136 10.75 2.60 4.83
N LYS A 137 10.43 3.01 6.06
CA LYS A 137 9.36 2.36 6.83
C LYS A 137 8.05 2.59 6.10
N TYR A 138 7.28 1.53 5.93
CA TYR A 138 6.02 1.63 5.20
C TYR A 138 5.00 0.73 5.89
N PRO A 139 4.34 1.24 6.94
CA PRO A 139 3.43 0.39 7.74
C PRO A 139 2.32 -0.21 6.91
N THR A 140 2.04 -1.50 7.12
CA THR A 140 0.89 -2.17 6.54
C THR A 140 -0.04 -2.67 7.66
N ALA A 141 -1.21 -3.19 7.30
CA ALA A 141 -2.17 -3.66 8.30
C ALA A 141 -1.58 -4.79 9.12
N SER A 142 -0.84 -5.69 8.47
CA SER A 142 -0.34 -6.87 9.17
C SER A 142 0.89 -6.60 10.04
N SER A 143 1.56 -5.47 9.80
CA SER A 143 2.83 -5.20 10.48
C SER A 143 3.23 -3.73 10.40
N SER A 144 3.74 -3.22 11.50
CA SER A 144 4.20 -1.85 11.56
C SER A 144 5.68 -1.80 11.20
N ARG A 145 6.27 -2.97 11.02
CA ARG A 145 7.69 -3.08 10.68
C ARG A 145 7.90 -3.25 9.18
N SER A 146 6.82 -3.17 8.41
CA SER A 146 6.93 -3.31 6.95
C SER A 146 7.75 -2.18 6.33
N VAL A 147 8.47 -2.48 5.24
CA VAL A 147 9.31 -1.49 4.57
C VAL A 147 9.04 -1.43 3.06
N GLN A 148 9.51 -0.35 2.45
CA GLN A 148 9.45 -0.18 1.01
C GLN A 148 10.85 0.02 0.46
N PHE A 149 11.19 -0.71 -0.59
CA PHE A 149 12.48 -0.55 -1.28
C PHE A 149 12.44 0.69 -2.19
N LYS A 150 13.39 1.61 -2.00
CA LYS A 150 13.38 2.86 -2.78
C LYS A 150 14.43 2.88 -3.88
N GLY A 151 15.33 1.89 -3.88
CA GLY A 151 16.30 1.75 -4.97
C GLY A 151 17.75 1.49 -4.57
N VAL A 152 18.58 1.26 -5.58
CA VAL A 152 20.03 1.16 -5.44
C VAL A 152 20.59 2.56 -5.57
N ALA A 153 21.47 2.97 -4.66
CA ALA A 153 21.93 4.35 -4.64
C ALA A 153 23.44 4.45 -4.63
N VAL A 154 23.95 5.62 -5.05
CA VAL A 154 25.36 5.91 -4.99
C VAL A 154 25.55 7.31 -4.42
N PRO A 155 26.69 7.54 -3.75
CA PRO A 155 26.98 8.83 -3.13
C PRO A 155 27.10 9.95 -4.13
N GLY A 156 26.55 11.12 -3.81
CA GLY A 156 26.69 12.29 -4.64
C GLY A 156 25.52 12.44 -5.59
N TYR A 157 25.55 13.50 -6.38
CA TYR A 157 24.47 13.78 -7.32
C TYR A 157 25.02 14.66 -8.44
N PRO A 158 24.62 14.41 -9.70
CA PRO A 158 25.14 15.23 -10.80
C PRO A 158 24.89 16.72 -10.57
N GLY A 159 25.95 17.52 -10.65
CA GLY A 159 25.84 18.96 -10.45
C GLY A 159 26.04 19.43 -9.02
N LEU A 160 26.12 18.50 -8.07
CA LEU A 160 26.40 18.87 -6.67
C LEU A 160 27.88 18.70 -6.33
N SER A 161 28.47 19.72 -5.74
CA SER A 161 29.87 19.68 -5.34
C SER A 161 30.10 18.78 -4.13
N ALA A 162 31.37 18.48 -3.85
CA ALA A 162 31.72 17.68 -2.69
C ALA A 162 31.47 18.49 -1.41
N THR A 163 31.38 19.81 -1.54
CA THR A 163 31.06 20.66 -0.42
C THR A 163 29.57 20.53 -0.06
N ASP A 164 28.74 20.26 -1.06
CA ASP A 164 27.29 20.26 -0.82
C ASP A 164 26.63 18.88 -0.60
N ASP A 165 27.25 17.80 -1.07
CA ASP A 165 26.53 16.51 -1.02
C ASP A 165 26.76 15.75 0.29
N LEU A 166 27.70 16.21 1.12
CA LEU A 166 27.87 15.71 2.48
C LEU A 166 28.24 16.87 3.39
N ILE A 167 27.26 17.33 4.16
CA ILE A 167 27.42 18.52 5.00
C ILE A 167 27.29 18.13 6.44
N ALA A 168 28.25 18.56 7.27
CA ALA A 168 28.08 18.44 8.72
C ALA A 168 27.15 19.55 9.20
N VAL A 169 25.94 19.21 9.59
CA VAL A 169 25.01 20.25 10.03
C VAL A 169 24.95 20.30 11.56
N TRP A 170 24.64 21.47 12.08
CA TRP A 170 24.52 21.66 13.53
C TRP A 170 23.08 21.52 13.96
N LYS A 171 22.87 20.90 15.11
CA LYS A 171 21.58 20.95 15.77
C LYS A 171 21.77 21.24 17.25
N THR A 172 20.73 21.77 17.87
CA THR A 172 20.71 21.99 19.31
C THR A 172 19.60 21.13 19.92
N THR A 173 19.94 20.39 20.97
CA THR A 173 18.93 19.65 21.72
C THR A 173 19.06 19.99 23.19
N ASN A 174 18.02 20.62 23.76
CA ASN A 174 18.06 21.08 25.14
C ASN A 174 19.31 21.90 25.44
N GLY A 175 19.59 22.88 24.59
CA GLY A 175 20.75 23.73 24.79
C GLY A 175 22.11 23.13 24.45
N GLN A 176 22.16 21.86 24.03
CA GLN A 176 23.44 21.22 23.68
C GLN A 176 23.59 21.14 22.17
N ARG A 177 24.67 21.72 21.63
CA ARG A 177 24.89 21.72 20.19
C ARG A 177 25.80 20.57 19.75
N PHE A 178 25.47 19.96 18.61
CA PHE A 178 26.22 18.82 18.09
C PHE A 178 26.05 18.75 16.57
N GLN A 179 26.90 17.97 15.91
CA GLN A 179 26.86 17.88 14.45
C GLN A 179 26.45 16.50 13.95
N ASN A 180 25.84 16.49 12.76
CA ASN A 180 25.43 15.26 12.13
C ASN A 180 25.54 15.46 10.61
N TYR A 181 25.68 14.36 9.86
CA TYR A 181 25.79 14.50 8.41
C TYR A 181 24.44 14.59 7.73
N ARG A 182 24.38 15.47 6.74
CA ARG A 182 23.31 15.45 5.76
C ARG A 182 23.95 14.97 4.46
N ALA A 183 23.54 13.80 3.99
CA ALA A 183 24.19 13.16 2.85
C ALA A 183 23.23 13.05 1.67
N ILE A 184 23.72 13.35 0.47
CA ILE A 184 22.87 13.33 -0.72
C ILE A 184 23.31 12.21 -1.68
N PHE A 185 22.36 11.38 -2.09
CA PHE A 185 22.63 10.21 -2.93
C PHE A 185 21.86 10.29 -4.23
N THR A 186 22.36 9.58 -5.24
CA THR A 186 21.67 9.39 -6.52
C THR A 186 21.02 8.01 -6.57
N ILE A 187 19.74 7.97 -6.94
CA ILE A 187 19.11 6.68 -7.14
C ILE A 187 19.33 6.23 -8.59
N LEU A 188 19.90 5.04 -8.74
CA LEU A 188 20.23 4.51 -10.06
C LEU A 188 19.02 3.94 -10.81
N ASN A 189 19.08 4.01 -12.14
CA ASN A 189 18.05 3.41 -12.97
C ASN A 189 18.15 1.89 -12.96
N ILE A 190 17.78 1.30 -11.84
CA ILE A 190 17.74 -0.14 -11.67
C ILE A 190 16.36 -0.48 -11.14
N PRO A 191 15.49 -1.02 -12.01
CA PRO A 191 14.12 -1.31 -11.56
C PRO A 191 14.03 -2.51 -10.62
N MET A 192 15.03 -3.39 -10.64
CA MET A 192 14.98 -4.62 -9.86
C MET A 192 16.34 -5.17 -9.52
N VAL A 193 16.51 -5.58 -8.27
CA VAL A 193 17.68 -6.37 -7.90
C VAL A 193 17.24 -7.82 -7.73
N SER A 194 17.78 -8.71 -8.55
CA SER A 194 17.28 -10.09 -8.57
C SER A 194 17.67 -10.90 -7.33
N ARG A 195 16.86 -11.90 -6.97
CA ARG A 195 17.22 -12.83 -5.90
C ARG A 195 18.57 -13.50 -6.16
N LYS A 196 18.84 -13.84 -7.42
CA LYS A 196 20.13 -14.41 -7.80
C LYS A 196 21.26 -13.47 -7.39
N TRP A 197 21.12 -12.19 -7.71
CA TRP A 197 22.13 -11.21 -7.33
C TRP A 197 22.30 -11.19 -5.82
N ILE A 198 21.19 -11.08 -5.10
CA ILE A 198 21.22 -10.93 -3.65
C ILE A 198 21.85 -12.13 -2.94
N ASN A 199 21.52 -13.34 -3.41
CA ASN A 199 22.14 -14.55 -2.86
C ASN A 199 23.64 -14.61 -3.19
N SER A 200 24.04 -13.89 -4.22
CA SER A 200 25.43 -13.89 -4.66
C SER A 200 26.09 -12.57 -4.29
N LEU A 201 25.67 -12.04 -3.14
CA LEU A 201 26.16 -10.76 -2.64
C LEU A 201 27.68 -10.75 -2.43
N PHE A 202 28.19 -11.84 -1.87
CA PHE A 202 29.58 -11.96 -1.50
C PHE A 202 30.46 -12.52 -2.63
N ASP A 203 29.90 -12.63 -3.83
CA ASP A 203 30.66 -13.14 -4.98
C ASP A 203 30.16 -12.61 -6.33
N PRO A 204 30.89 -11.66 -6.91
CA PRO A 204 30.50 -11.05 -8.19
C PRO A 204 30.44 -12.07 -9.33
N PHE A 205 31.12 -13.20 -9.17
CA PHE A 205 31.13 -14.25 -10.19
C PHE A 205 29.74 -14.82 -10.41
N GLY A 206 29.00 -15.03 -9.33
CA GLY A 206 27.67 -15.62 -9.41
C GLY A 206 26.57 -14.58 -9.58
N GLN A 207 26.96 -13.33 -9.78
CA GLN A 207 25.99 -12.24 -9.95
C GLN A 207 25.50 -12.15 -11.40
N ASP A 208 24.26 -11.70 -11.56
CA ASP A 208 23.78 -11.39 -12.90
C ASP A 208 23.95 -9.89 -13.15
N ASN A 209 23.26 -9.40 -14.16
CA ASN A 209 23.38 -8.03 -14.64
C ASN A 209 22.53 -7.01 -13.88
N SER A 210 21.91 -7.41 -12.77
CA SER A 210 21.02 -6.51 -12.01
C SER A 210 21.70 -5.17 -11.68
N LEU A 211 22.96 -5.22 -11.29
CA LEU A 211 23.64 -4.01 -10.86
C LEU A 211 24.57 -3.42 -11.89
N ASN A 212 24.36 -3.75 -13.16
CA ASN A 212 25.19 -3.18 -14.21
C ASN A 212 25.26 -1.64 -14.19
N PRO A 213 24.13 -0.95 -13.92
CA PRO A 213 24.31 0.52 -13.81
C PRO A 213 25.17 0.95 -12.62
N PHE A 214 25.23 0.12 -11.59
CA PHE A 214 26.12 0.43 -10.47
C PHE A 214 27.56 0.25 -10.92
N TYR A 215 27.85 -0.87 -11.57
CA TYR A 215 29.22 -1.14 -12.01
C TYR A 215 29.68 -0.15 -13.07
N GLN A 216 28.74 0.33 -13.87
CA GLN A 216 29.03 1.40 -14.81
C GLN A 216 29.44 2.67 -14.05
N TRP A 217 28.66 3.04 -13.03
CA TRP A 217 28.98 4.21 -12.22
C TRP A 217 30.35 4.07 -11.55
N LYS A 218 30.66 2.88 -11.05
CA LYS A 218 31.95 2.63 -10.43
C LYS A 218 33.09 2.96 -11.38
N ILE A 219 32.90 2.60 -12.65
CA ILE A 219 33.90 2.86 -13.69
C ILE A 219 34.02 4.34 -14.05
N SER A 220 32.87 4.99 -14.29
CA SER A 220 32.89 6.34 -14.88
C SER A 220 32.57 7.49 -13.93
N GLY A 221 31.91 7.19 -12.81
CA GLY A 221 31.43 8.23 -11.92
C GLY A 221 30.21 8.97 -12.46
N LYS A 222 29.67 8.51 -13.59
CA LYS A 222 28.48 9.15 -14.17
C LYS A 222 27.28 8.21 -14.10
N ALA A 223 26.29 8.59 -13.30
CA ALA A 223 25.20 7.68 -12.98
C ALA A 223 24.06 7.77 -13.99
N ASP A 224 23.49 6.63 -14.33
CA ASP A 224 22.20 6.58 -15.03
C ASP A 224 21.12 6.74 -13.96
N VAL A 225 20.57 7.94 -13.86
CA VAL A 225 19.67 8.31 -12.77
C VAL A 225 18.24 7.85 -13.04
N LEU A 226 17.57 7.33 -12.00
CA LEU A 226 16.16 7.01 -12.08
C LEU A 226 15.36 8.31 -12.00
N ILE A 227 14.98 8.82 -13.16
CA ILE A 227 14.18 10.04 -13.27
C ILE A 227 12.70 9.70 -13.49
N ALA A 228 11.84 10.07 -12.54
CA ALA A 228 10.44 9.63 -12.59
C ALA A 228 9.44 10.77 -12.34
N PRO A 229 9.09 11.53 -13.40
CA PRO A 229 8.14 12.65 -13.29
C PRO A 229 6.75 12.19 -12.85
N SER A 230 6.09 13.02 -12.05
CA SER A 230 4.79 12.69 -11.49
C SER A 230 3.65 12.80 -12.49
N THR A 231 2.65 11.94 -12.37
CA THR A 231 1.38 12.12 -13.08
C THR A 231 0.55 13.17 -12.32
N LYS A 232 -0.29 13.90 -13.05
CA LYS A 232 -1.15 14.90 -12.42
C LYS A 232 -2.48 14.26 -12.03
N HIS B 6 -41.83 -3.49 -13.71
CA HIS B 6 -41.06 -2.28 -14.00
C HIS B 6 -40.36 -1.76 -12.74
N HIS B 7 -39.55 -0.72 -12.88
CA HIS B 7 -38.85 -0.14 -11.74
C HIS B 7 -39.70 1.02 -11.21
N HIS B 8 -39.82 1.12 -9.90
CA HIS B 8 -40.73 2.09 -9.29
C HIS B 8 -40.00 3.23 -8.61
N GLY B 9 -40.64 4.39 -8.63
CA GLY B 9 -40.16 5.56 -7.93
C GLY B 9 -39.19 6.34 -8.80
N LYS B 10 -38.73 7.46 -8.26
CA LYS B 10 -37.84 8.36 -8.97
C LYS B 10 -36.51 7.69 -9.29
N ILE B 11 -36.00 8.00 -10.47
CA ILE B 11 -34.67 7.60 -10.90
C ILE B 11 -33.84 8.85 -10.81
N TYR B 12 -32.75 8.80 -10.06
CA TYR B 12 -31.95 10.01 -9.89
C TYR B 12 -31.17 10.27 -11.16
N SER B 13 -31.46 11.40 -11.80
CA SER B 13 -30.75 11.79 -13.00
C SER B 13 -29.31 12.20 -12.68
N PHE B 14 -28.46 12.10 -13.69
CA PHE B 14 -27.02 12.24 -13.49
C PHE B 14 -26.62 13.57 -12.85
N ASP B 15 -27.38 14.63 -13.13
CA ASP B 15 -26.97 15.94 -12.62
C ASP B 15 -27.55 16.24 -11.23
N THR B 16 -28.25 15.28 -10.64
CA THR B 16 -28.76 15.47 -9.28
C THR B 16 -27.96 14.66 -8.25
N LEU B 17 -26.92 13.97 -8.70
CA LEU B 17 -26.25 12.98 -7.86
C LEU B 17 -25.52 13.57 -6.66
N ALA B 18 -24.99 14.77 -6.82
CA ALA B 18 -24.18 15.36 -5.77
C ALA B 18 -24.97 15.56 -4.48
N ASN B 19 -26.29 15.66 -4.57
CA ASN B 19 -27.08 15.88 -3.35
C ASN B 19 -28.07 14.78 -3.02
N ALA B 20 -27.94 13.64 -3.69
CA ALA B 20 -28.86 12.53 -3.51
C ALA B 20 -28.66 11.82 -2.17
N ASP B 21 -29.75 11.25 -1.66
CA ASP B 21 -29.63 10.26 -0.59
C ASP B 21 -29.39 8.90 -1.24
N LEU B 22 -28.77 7.98 -0.51
CA LEU B 22 -28.67 6.61 -0.99
C LEU B 22 -29.82 5.77 -0.42
N ILE B 23 -30.70 5.34 -1.30
CA ILE B 23 -31.94 4.67 -0.91
C ILE B 23 -31.96 3.24 -1.46
N ILE B 24 -32.33 2.29 -0.60
CA ILE B 24 -32.35 0.88 -0.96
C ILE B 24 -33.06 0.67 -2.30
N ASP B 25 -32.32 0.12 -3.26
CA ASP B 25 -32.80 -0.23 -4.60
C ASP B 25 -33.23 0.94 -5.48
N ALA B 26 -32.90 2.16 -5.08
CA ALA B 26 -33.07 3.30 -5.98
C ALA B 26 -32.00 3.23 -7.09
N VAL B 27 -32.31 3.78 -8.25
CA VAL B 27 -31.39 3.75 -9.38
C VAL B 27 -30.80 5.15 -9.64
N TYR B 28 -29.49 5.20 -9.88
CA TYR B 28 -28.73 6.44 -10.04
C TYR B 28 -28.08 6.51 -11.43
N GLU B 29 -28.49 7.48 -12.24
CA GLU B 29 -28.07 7.49 -13.64
C GLU B 29 -26.63 7.94 -13.85
N GLY B 30 -25.93 7.25 -14.74
CA GLY B 30 -24.59 7.63 -15.12
C GLY B 30 -24.59 8.74 -16.17
N GLY B 31 -23.40 9.26 -16.47
CA GLY B 31 -23.23 10.32 -17.45
C GLY B 31 -23.23 9.79 -18.87
N SER B 32 -23.03 10.71 -19.83
CA SER B 32 -23.09 10.36 -21.26
C SER B 32 -21.85 10.84 -22.04
N SER B 33 -20.91 11.46 -21.34
CA SER B 33 -19.69 12.00 -21.96
C SER B 33 -18.81 10.91 -22.58
N GLY B 34 -18.97 9.67 -22.13
CA GLY B 34 -18.16 8.58 -22.63
C GLY B 34 -16.89 8.37 -21.80
N ASN B 35 -16.43 9.41 -21.12
CA ASN B 35 -15.21 9.33 -20.33
C ASN B 35 -15.45 8.77 -18.93
N ALA B 36 -14.44 8.91 -18.07
CA ALA B 36 -14.48 8.32 -16.74
C ALA B 36 -15.47 9.03 -15.82
N SER B 37 -15.66 10.32 -16.03
CA SER B 37 -16.52 11.13 -15.17
C SER B 37 -18.01 10.77 -15.25
N ASP B 38 -18.35 9.89 -16.19
CA ASP B 38 -19.73 9.39 -16.30
C ASP B 38 -20.12 8.45 -15.16
N ASP B 39 -19.14 8.01 -14.38
CA ASP B 39 -19.39 7.15 -13.23
C ASP B 39 -20.24 7.87 -12.20
N PRO B 40 -21.43 7.32 -11.91
CA PRO B 40 -22.36 7.91 -10.95
C PRO B 40 -21.89 7.82 -9.50
N ILE B 41 -21.20 6.73 -9.17
CA ILE B 41 -20.83 6.47 -7.77
C ILE B 41 -19.92 7.54 -7.18
N SER B 42 -18.91 7.95 -7.94
CA SER B 42 -17.96 8.95 -7.46
C SER B 42 -18.60 10.34 -7.36
N LYS B 43 -19.69 10.55 -8.11
CA LYS B 43 -20.45 11.80 -8.03
C LYS B 43 -21.32 11.81 -6.76
N ILE B 44 -21.92 10.66 -6.43
CA ILE B 44 -22.72 10.58 -5.20
C ILE B 44 -21.85 10.72 -3.97
N ILE B 45 -20.72 10.02 -3.99
CA ILE B 45 -19.85 9.95 -2.82
C ILE B 45 -18.46 10.52 -3.09
N LYS B 46 -18.21 11.73 -2.60
CA LYS B 46 -16.90 12.33 -2.75
C LYS B 46 -15.89 11.56 -1.91
N GLY B 47 -14.77 11.21 -2.53
CA GLY B 47 -13.74 10.43 -1.87
C GLY B 47 -13.62 9.04 -2.48
N ILE B 48 -14.62 8.66 -3.27
CA ILE B 48 -14.65 7.37 -3.93
C ILE B 48 -14.24 7.56 -5.39
N GLY B 49 -13.30 6.74 -5.87
CA GLY B 49 -12.83 6.82 -7.24
C GLY B 49 -13.88 6.43 -8.27
N ASN B 50 -13.59 6.63 -9.57
CA ASN B 50 -14.64 6.38 -10.56
C ASN B 50 -14.52 5.05 -11.29
N MET B 51 -13.68 4.15 -10.78
CA MET B 51 -13.47 2.89 -11.47
C MET B 51 -13.13 1.72 -10.54
N GLY B 52 -13.59 0.51 -10.89
CA GLY B 52 -13.17 -0.69 -10.18
C GLY B 52 -14.31 -1.38 -9.45
N GLY B 53 -14.20 -2.70 -9.29
CA GLY B 53 -15.19 -3.49 -8.57
C GLY B 53 -15.05 -3.30 -7.06
N PHE B 54 -13.86 -2.85 -6.67
CA PHE B 54 -13.53 -2.60 -5.29
C PHE B 54 -12.97 -1.18 -5.17
N ARG B 55 -13.64 -0.33 -4.41
CA ARG B 55 -13.22 1.07 -4.25
C ARG B 55 -13.26 1.42 -2.78
N SER B 56 -12.42 2.36 -2.36
CA SER B 56 -12.37 2.74 -0.95
C SER B 56 -12.09 4.22 -0.81
N ALA B 57 -12.45 4.78 0.35
CA ALA B 57 -12.23 6.18 0.61
C ALA B 57 -11.40 6.35 1.86
N GLY B 58 -10.49 7.31 1.81
CA GLY B 58 -9.65 7.61 2.95
C GLY B 58 -8.23 7.21 2.64
N GLN B 59 -7.30 8.02 3.11
CA GLN B 59 -5.87 7.72 3.00
C GLN B 59 -5.45 7.06 4.30
N GLY B 60 -4.63 6.03 4.23
CA GLY B 60 -4.23 5.31 5.42
C GLY B 60 -4.49 3.83 5.30
N ILE B 61 -4.06 3.07 6.28
CA ILE B 61 -4.24 1.62 6.24
C ILE B 61 -5.69 1.25 6.41
N PHE B 62 -6.39 2.04 7.22
CA PHE B 62 -7.77 1.75 7.60
C PHE B 62 -8.77 2.77 7.06
N LYS B 63 -9.54 2.34 6.07
CA LYS B 63 -10.40 3.24 5.30
C LYS B 63 -11.67 3.67 6.02
N LYS B 64 -12.28 4.73 5.51
CA LYS B 64 -13.53 5.27 6.05
C LYS B 64 -14.75 4.63 5.39
N LEU B 65 -14.59 4.15 4.16
CA LEU B 65 -15.71 3.59 3.43
C LEU B 65 -15.19 2.66 2.35
N ILE B 66 -15.88 1.55 2.14
CA ILE B 66 -15.59 0.66 1.01
C ILE B 66 -16.83 0.57 0.11
N VAL B 67 -16.62 0.66 -1.19
CA VAL B 67 -17.68 0.44 -2.15
C VAL B 67 -17.41 -0.82 -2.94
N LEU B 68 -18.40 -1.68 -3.02
CA LEU B 68 -18.36 -2.88 -3.86
C LEU B 68 -19.29 -2.65 -5.02
N TYR B 69 -18.78 -2.88 -6.22
CA TYR B 69 -19.55 -2.64 -7.44
C TYR B 69 -19.45 -3.87 -8.34
N THR B 70 -20.59 -4.33 -8.84
CA THR B 70 -20.61 -5.48 -9.74
C THR B 70 -21.58 -5.27 -10.88
N ASN B 71 -21.29 -5.84 -12.05
CA ASN B 71 -22.17 -5.68 -13.20
C ASN B 71 -23.23 -6.77 -13.31
N MET B 72 -23.06 -7.84 -12.53
CA MET B 72 -24.00 -8.97 -12.52
C MET B 72 -24.27 -9.54 -13.93
N GLU B 73 -23.33 -9.30 -14.84
CA GLU B 73 -23.46 -9.73 -16.23
C GLU B 73 -22.60 -10.96 -16.53
N ASP B 74 -21.52 -11.14 -15.76
CA ASP B 74 -20.56 -12.22 -16.03
C ASP B 74 -20.96 -13.52 -15.33
N GLY B 75 -21.25 -14.54 -16.11
CA GLY B 75 -21.61 -15.85 -15.59
C GLY B 75 -20.48 -16.55 -14.87
N ASP B 76 -19.24 -16.21 -15.24
CA ASP B 76 -18.05 -16.82 -14.63
C ASP B 76 -17.88 -16.45 -13.17
N TRP B 77 -18.26 -15.22 -12.82
CA TRP B 77 -18.23 -14.78 -11.44
C TRP B 77 -19.62 -14.34 -11.01
N PRO B 78 -20.47 -15.30 -10.62
CA PRO B 78 -21.88 -15.02 -10.40
C PRO B 78 -22.13 -14.27 -9.07
N ASP B 79 -21.80 -12.99 -9.01
CA ASP B 79 -22.18 -12.16 -7.87
C ASP B 79 -23.70 -12.23 -7.72
N SER B 80 -24.21 -12.23 -6.51
CA SER B 80 -25.66 -12.33 -6.35
C SER B 80 -26.16 -11.72 -5.03
N ILE B 81 -27.41 -11.30 -5.06
CA ILE B 81 -28.07 -10.83 -3.85
C ILE B 81 -29.31 -11.70 -3.60
N ASP B 82 -29.47 -12.15 -2.37
CA ASP B 82 -30.68 -12.83 -1.96
C ASP B 82 -31.48 -11.83 -1.14
N THR B 83 -32.50 -11.22 -1.75
CA THR B 83 -33.28 -10.17 -1.09
C THR B 83 -34.02 -10.72 0.15
N SER B 84 -34.41 -11.99 0.12
CA SER B 84 -35.15 -12.58 1.21
C SER B 84 -34.26 -12.85 2.41
N LYS B 85 -32.96 -13.02 2.18
CA LYS B 85 -32.04 -13.31 3.28
C LYS B 85 -31.16 -12.12 3.64
N GLY B 86 -31.18 -11.08 2.82
CA GLY B 86 -30.29 -9.95 3.01
C GLY B 86 -28.84 -10.41 2.91
N GLN B 87 -28.59 -11.28 1.94
CA GLN B 87 -27.25 -11.84 1.78
C GLN B 87 -26.69 -11.49 0.41
N PHE B 88 -25.45 -11.00 0.40
CA PHE B 88 -24.77 -10.65 -0.85
C PHE B 88 -23.53 -11.54 -1.04
N ILE B 89 -23.43 -12.16 -2.22
CA ILE B 89 -22.28 -12.98 -2.56
C ILE B 89 -21.43 -12.25 -3.59
N TYR B 90 -20.16 -12.10 -3.28
CA TYR B 90 -19.29 -11.21 -4.04
C TYR B 90 -17.96 -11.88 -4.39
N TYR B 91 -17.57 -11.79 -5.65
CA TYR B 91 -16.30 -12.37 -6.07
C TYR B 91 -15.22 -11.30 -6.18
N GLY B 92 -14.01 -11.66 -5.74
CA GLY B 92 -12.90 -10.75 -5.59
C GLY B 92 -12.23 -10.33 -6.88
N ASP B 93 -11.13 -9.64 -6.79
CA ASP B 93 -10.53 -8.95 -7.89
C ASP B 93 -9.36 -9.70 -8.63
N ASN B 94 -9.15 -10.96 -8.33
CA ASN B 94 -8.30 -11.85 -9.09
C ASN B 94 -9.03 -12.63 -10.14
N LYS B 95 -9.37 -11.98 -11.21
CA LYS B 95 -10.31 -12.52 -12.16
C LYS B 95 -9.73 -13.15 -13.42
N HIS B 96 -8.43 -13.11 -13.51
CA HIS B 96 -7.66 -13.65 -14.62
C HIS B 96 -6.45 -14.41 -14.08
N PRO B 97 -5.92 -15.37 -14.88
CA PRO B 97 -4.73 -16.16 -14.49
C PRO B 97 -3.50 -15.30 -14.28
N GLY B 98 -2.49 -15.80 -13.58
CA GLY B 98 -1.29 -15.00 -13.55
C GLY B 98 -0.66 -14.79 -12.21
N HIS B 99 -1.50 -14.46 -11.24
CA HIS B 99 -1.01 -13.94 -9.98
C HIS B 99 -1.57 -14.65 -8.76
N ASP B 100 -0.85 -14.51 -7.66
CA ASP B 100 -1.32 -14.95 -6.35
C ASP B 100 -2.65 -14.26 -6.05
N ILE B 101 -3.48 -14.94 -5.27
CA ILE B 101 -4.82 -14.45 -4.97
C ILE B 101 -4.81 -13.02 -4.38
N HIS B 102 -3.79 -12.68 -3.59
CA HIS B 102 -3.73 -11.35 -2.97
C HIS B 102 -2.95 -10.35 -3.80
N ASP B 103 -2.38 -10.80 -4.91
CA ASP B 103 -1.54 -9.91 -5.73
C ASP B 103 -2.38 -9.25 -6.80
N THR B 104 -3.15 -8.24 -6.41
CA THR B 104 -4.00 -7.51 -7.35
C THR B 104 -3.76 -6.01 -7.19
N PRO B 105 -3.84 -5.26 -8.29
CA PRO B 105 -3.47 -3.84 -8.26
C PRO B 105 -4.30 -3.00 -7.29
N ARG B 106 -5.61 -3.24 -7.19
CA ARG B 106 -6.44 -2.48 -6.27
C ARG B 106 -6.50 -3.09 -4.88
N GLN B 107 -5.88 -4.26 -4.71
CA GLN B 107 -5.79 -4.93 -3.42
C GLN B 107 -7.15 -5.28 -2.82
N GLY B 108 -8.12 -5.58 -3.69
CA GLY B 108 -9.45 -5.95 -3.24
C GLY B 108 -9.40 -7.22 -2.40
N ASN B 109 -8.74 -8.26 -2.93
CA ASN B 109 -8.70 -9.53 -2.22
C ASN B 109 -7.97 -9.44 -0.89
N ALA B 110 -6.86 -8.71 -0.88
CA ALA B 110 -6.10 -8.51 0.34
C ALA B 110 -6.93 -7.81 1.40
N THR B 111 -7.75 -6.87 0.95
CA THR B 111 -8.59 -6.12 1.88
C THR B 111 -9.71 -7.00 2.39
N LEU B 112 -10.31 -7.80 1.49
CA LEU B 112 -11.33 -8.76 1.92
C LEU B 112 -10.80 -9.65 3.03
N LYS B 113 -9.58 -10.16 2.84
CA LYS B 113 -9.01 -11.07 3.83
C LYS B 113 -8.89 -10.37 5.20
N MET B 114 -8.41 -9.14 5.16
CA MET B 114 -8.25 -8.29 6.33
C MET B 114 -9.59 -8.04 7.02
N LEU B 115 -10.61 -7.76 6.22
CA LEU B 115 -11.93 -7.45 6.76
C LEU B 115 -12.58 -8.65 7.45
N PHE B 116 -12.50 -9.81 6.81
CA PHE B 116 -13.09 -11.02 7.38
C PHE B 116 -12.27 -11.53 8.56
N ASP B 117 -10.94 -11.42 8.49
CA ASP B 117 -10.13 -11.81 9.63
C ASP B 117 -10.44 -10.91 10.84
N SER B 118 -10.58 -9.61 10.62
CA SER B 118 -10.96 -8.69 11.68
C SER B 118 -12.31 -9.06 12.29
N THR B 119 -13.25 -9.39 11.42
CA THR B 119 -14.62 -9.71 11.85
C THR B 119 -14.64 -10.94 12.75
N HIS B 120 -13.75 -11.89 12.48
CA HIS B 120 -13.73 -13.13 13.24
C HIS B 120 -12.61 -13.16 14.28
N ASN B 121 -11.93 -12.04 14.48
CA ASN B 121 -10.79 -12.01 15.40
C ASN B 121 -11.25 -12.04 16.86
N GLU B 122 -10.48 -12.69 17.73
CA GLU B 122 -10.84 -12.77 19.15
C GLU B 122 -10.53 -11.49 19.92
N LYS B 123 -9.56 -10.73 19.42
CA LYS B 123 -9.22 -9.43 20.01
C LYS B 123 -9.52 -8.32 19.00
N ASP B 124 -10.06 -7.21 19.49
CA ASP B 124 -10.38 -6.06 18.66
C ASP B 124 -11.28 -6.45 17.49
N ALA B 125 -12.26 -7.32 17.74
CA ALA B 125 -13.12 -7.82 16.67
C ALA B 125 -13.79 -6.65 15.93
N ARG B 126 -13.70 -6.71 14.60
CA ARG B 126 -14.37 -5.76 13.69
C ARG B 126 -13.79 -4.34 13.71
N ARG B 127 -12.73 -4.12 14.48
CA ARG B 127 -12.23 -2.76 14.69
C ARG B 127 -11.90 -2.00 13.41
N ILE B 128 -11.28 -2.67 12.45
CA ILE B 128 -10.81 -1.99 11.25
C ILE B 128 -11.82 -2.06 10.10
N VAL B 129 -12.99 -2.66 10.35
CA VAL B 129 -14.01 -2.77 9.33
C VAL B 129 -14.80 -1.48 9.16
N PRO B 130 -14.72 -0.88 7.97
CA PRO B 130 -15.51 0.30 7.67
C PRO B 130 -16.89 -0.09 7.10
N PRO B 131 -17.81 0.87 7.04
CA PRO B 131 -19.06 0.59 6.33
C PRO B 131 -18.81 0.20 4.88
N ILE B 132 -19.64 -0.69 4.38
CA ILE B 132 -19.55 -1.12 2.99
C ILE B 132 -20.84 -0.81 2.25
N PHE B 133 -20.74 -0.13 1.11
CA PHE B 133 -21.89 0.16 0.26
C PHE B 133 -21.84 -0.73 -0.97
N ILE B 134 -22.95 -1.38 -1.27
CA ILE B 134 -23.02 -2.22 -2.47
C ILE B 134 -23.81 -1.55 -3.59
N PHE B 135 -23.22 -1.50 -4.78
CA PHE B 135 -23.90 -1.02 -5.99
C PHE B 135 -23.84 -2.08 -7.09
N VAL B 136 -24.91 -2.20 -7.88
CA VAL B 136 -24.85 -3.04 -9.06
C VAL B 136 -25.17 -2.23 -10.32
N LYS B 137 -24.66 -2.69 -11.45
CA LYS B 137 -24.93 -2.07 -12.72
C LYS B 137 -26.41 -2.21 -13.02
N TYR B 138 -27.03 -1.10 -13.41
CA TYR B 138 -28.44 -1.08 -13.71
C TYR B 138 -28.65 -0.14 -14.90
N PRO B 139 -28.45 -0.65 -16.12
CA PRO B 139 -28.52 0.19 -17.32
C PRO B 139 -29.87 0.86 -17.45
N THR B 140 -29.86 2.15 -17.77
CA THR B 140 -31.10 2.87 -18.06
C THR B 140 -31.05 3.36 -19.51
N ALA B 141 -32.14 3.97 -19.98
CA ALA B 141 -32.20 4.46 -21.35
C ALA B 141 -31.15 5.53 -21.62
N SER B 142 -30.97 6.43 -20.66
CA SER B 142 -30.07 7.57 -20.84
C SER B 142 -28.60 7.21 -20.61
N SER B 143 -28.34 6.06 -20.00
CA SER B 143 -26.97 5.69 -19.62
C SER B 143 -26.80 4.20 -19.33
N SER B 144 -25.66 3.65 -19.75
CA SER B 144 -25.34 2.25 -19.46
C SER B 144 -24.51 2.10 -18.20
N ARG B 145 -24.07 3.23 -17.63
CA ARG B 145 -23.26 3.21 -16.42
C ARG B 145 -24.09 3.49 -15.17
N SER B 146 -25.40 3.53 -15.35
CA SER B 146 -26.30 3.75 -14.24
C SER B 146 -26.17 2.60 -13.24
N VAL B 147 -26.37 2.88 -11.96
CA VAL B 147 -26.25 1.88 -10.91
C VAL B 147 -27.45 1.86 -9.97
N GLN B 148 -27.58 0.77 -9.22
CA GLN B 148 -28.64 0.64 -8.21
C GLN B 148 -27.97 0.38 -6.86
N PHE B 149 -28.39 1.12 -5.83
CA PHE B 149 -27.88 0.93 -4.48
C PHE B 149 -28.54 -0.28 -3.83
N LYS B 150 -27.74 -1.24 -3.39
CA LYS B 150 -28.28 -2.49 -2.82
C LYS B 150 -28.17 -2.54 -1.29
N GLY B 151 -27.46 -1.60 -0.70
CA GLY B 151 -27.43 -1.49 0.75
C GLY B 151 -26.09 -1.32 1.42
N VAL B 152 -26.15 -1.10 2.74
CA VAL B 152 -24.99 -1.08 3.61
C VAL B 152 -24.73 -2.50 4.09
N ALA B 153 -23.49 -2.96 4.00
CA ALA B 153 -23.22 -4.36 4.30
C ALA B 153 -22.05 -4.55 5.25
N VAL B 154 -21.99 -5.71 5.88
CA VAL B 154 -20.89 -6.06 6.76
C VAL B 154 -20.46 -7.48 6.40
N PRO B 155 -19.17 -7.79 6.62
CA PRO B 155 -18.61 -9.11 6.30
C PRO B 155 -19.27 -10.21 7.11
N GLY B 156 -19.52 -11.35 6.47
CA GLY B 156 -20.04 -12.50 7.19
C GLY B 156 -21.54 -12.55 7.14
N TYR B 157 -22.10 -13.60 7.72
CA TYR B 157 -23.52 -13.81 7.73
C TYR B 157 -23.86 -14.71 8.92
N PRO B 158 -24.98 -14.42 9.62
CA PRO B 158 -25.38 -15.19 10.81
C PRO B 158 -25.42 -16.68 10.52
N GLY B 159 -24.68 -17.47 11.30
CA GLY B 159 -24.66 -18.90 11.11
C GLY B 159 -23.59 -19.43 10.15
N LEU B 160 -22.88 -18.55 9.45
CA LEU B 160 -21.79 -18.99 8.58
C LEU B 160 -20.45 -18.88 9.27
N SER B 161 -19.68 -19.96 9.23
CA SER B 161 -18.36 -19.98 9.85
C SER B 161 -17.37 -19.11 9.06
N ALA B 162 -16.22 -18.83 9.67
CA ALA B 162 -15.16 -18.08 9.02
C ALA B 162 -14.56 -18.89 7.89
N THR B 163 -14.80 -20.19 7.94
CA THR B 163 -14.38 -21.11 6.89
C THR B 163 -15.23 -20.97 5.64
N ASP B 164 -16.51 -20.63 5.85
CA ASP B 164 -17.45 -20.57 4.74
C ASP B 164 -17.73 -19.19 4.16
N ASP B 165 -17.52 -18.12 4.93
CA ASP B 165 -17.98 -16.81 4.45
C ASP B 165 -16.93 -16.11 3.58
N LEU B 166 -15.71 -16.62 3.58
CA LEU B 166 -14.66 -16.16 2.67
C LEU B 166 -13.81 -17.35 2.21
N ILE B 167 -14.04 -17.79 0.97
CA ILE B 167 -13.40 -18.98 0.42
C ILE B 167 -12.56 -18.63 -0.80
N ALA B 168 -11.32 -19.12 -0.83
CA ALA B 168 -10.52 -19.05 -2.05
C ALA B 168 -11.00 -20.14 -3.03
N VAL B 169 -11.63 -19.73 -4.13
CA VAL B 169 -12.08 -20.68 -5.12
C VAL B 169 -11.11 -20.68 -6.31
N TRP B 170 -11.05 -21.82 -7.00
CA TRP B 170 -10.22 -22.00 -8.19
C TRP B 170 -11.01 -21.81 -9.48
N LYS B 171 -10.39 -21.20 -10.48
CA LYS B 171 -10.95 -21.18 -11.83
C LYS B 171 -9.86 -21.51 -12.85
N THR B 172 -10.27 -21.96 -14.02
CA THR B 172 -9.36 -22.18 -15.11
C THR B 172 -9.73 -21.26 -16.27
N THR B 173 -8.73 -20.56 -16.81
CA THR B 173 -8.94 -19.77 -18.00
C THR B 173 -7.86 -20.11 -19.02
N ASN B 174 -8.29 -20.69 -20.15
CA ASN B 174 -7.39 -21.15 -21.20
C ASN B 174 -6.29 -22.07 -20.67
N GLY B 175 -6.70 -23.08 -19.91
CA GLY B 175 -5.77 -24.05 -19.36
C GLY B 175 -4.95 -23.57 -18.17
N GLN B 176 -5.12 -22.32 -17.75
CA GLN B 176 -4.35 -21.79 -16.62
C GLN B 176 -5.22 -21.60 -15.36
N ARG B 177 -4.83 -22.23 -14.27
CA ARG B 177 -5.60 -22.20 -13.03
C ARG B 177 -5.16 -21.10 -12.07
N PHE B 178 -6.12 -20.48 -11.39
CA PHE B 178 -5.81 -19.38 -10.48
C PHE B 178 -6.90 -19.29 -9.42
N GLN B 179 -6.62 -18.53 -8.36
CA GLN B 179 -7.56 -18.42 -7.25
C GLN B 179 -8.15 -17.02 -7.09
N ASN B 180 -9.38 -16.97 -6.58
CA ASN B 180 -10.10 -15.73 -6.34
C ASN B 180 -11.00 -15.92 -5.12
N TYR B 181 -11.39 -14.83 -4.46
CA TYR B 181 -12.26 -14.96 -3.29
C TYR B 181 -13.73 -14.94 -3.67
N ARG B 182 -14.47 -15.77 -2.97
CA ARG B 182 -15.91 -15.68 -2.90
C ARG B 182 -16.25 -15.22 -1.48
N ALA B 183 -16.82 -14.02 -1.36
CA ALA B 183 -17.05 -13.40 -0.06
C ALA B 183 -18.55 -13.23 0.17
N ILE B 184 -18.98 -13.50 1.39
CA ILE B 184 -20.39 -13.42 1.75
C ILE B 184 -20.61 -12.33 2.78
N PHE B 185 -21.54 -11.42 2.47
CA PHE B 185 -21.83 -10.25 3.30
C PHE B 185 -23.28 -10.26 3.74
N THR B 186 -23.55 -9.54 4.82
CA THR B 186 -24.90 -9.29 5.32
C THR B 186 -25.36 -7.90 4.96
N ILE B 187 -26.57 -7.76 4.41
CA ILE B 187 -27.11 -6.41 4.18
C ILE B 187 -27.89 -5.93 5.42
N LEU B 188 -27.52 -4.75 5.91
CA LEU B 188 -28.13 -4.22 7.14
C LEU B 188 -29.49 -3.57 6.88
N ASN B 189 -30.32 -3.60 7.91
CA ASN B 189 -31.62 -2.93 7.92
C ASN B 189 -31.41 -1.43 8.01
N ILE B 190 -30.96 -0.84 6.91
CA ILE B 190 -30.76 0.60 6.75
C ILE B 190 -31.46 0.97 5.46
N PRO B 191 -32.65 1.58 5.55
CA PRO B 191 -33.39 1.90 4.31
C PRO B 191 -32.78 3.05 3.51
N MET B 192 -32.00 3.90 4.18
CA MET B 192 -31.47 5.08 3.52
C MET B 192 -30.20 5.57 4.22
N VAL B 193 -29.21 5.92 3.42
CA VAL B 193 -28.06 6.67 3.93
C VAL B 193 -28.25 8.12 3.50
N SER B 194 -28.37 9.02 4.47
CA SER B 194 -28.74 10.41 4.19
C SER B 194 -27.62 11.18 3.52
N ARG B 195 -28.01 12.21 2.77
CA ARG B 195 -27.07 13.13 2.15
C ARG B 195 -26.18 13.73 3.23
N LYS B 196 -26.79 14.04 4.37
CA LYS B 196 -26.06 14.57 5.52
C LYS B 196 -24.97 13.59 5.98
N TRP B 197 -25.32 12.32 6.10
CA TRP B 197 -24.33 11.31 6.49
C TRP B 197 -23.18 11.28 5.49
N ILE B 198 -23.52 11.19 4.20
CA ILE B 198 -22.51 11.05 3.14
C ILE B 198 -21.55 12.25 3.07
N ASN B 199 -22.10 13.46 3.21
CA ASN B 199 -21.29 14.68 3.24
C ASN B 199 -20.35 14.70 4.43
N SER B 200 -20.70 13.96 5.47
CA SER B 200 -19.92 13.93 6.70
C SER B 200 -19.19 12.60 6.83
N LEU B 201 -18.82 12.03 5.69
CA LEU B 201 -18.16 10.72 5.65
C LEU B 201 -16.87 10.70 6.45
N PHE B 202 -16.09 11.76 6.33
CA PHE B 202 -14.80 11.86 6.98
C PHE B 202 -14.87 12.47 8.39
N ASP B 203 -16.08 12.60 8.93
CA ASP B 203 -16.26 13.14 10.27
C ASP B 203 -17.46 12.57 10.99
N PRO B 204 -17.21 11.63 11.92
CA PRO B 204 -18.30 10.98 12.66
C PRO B 204 -19.08 11.96 13.52
N PHE B 205 -18.47 13.10 13.86
CA PHE B 205 -19.12 14.11 14.68
C PHE B 205 -20.32 14.70 13.96
N GLY B 206 -20.18 14.94 12.66
CA GLY B 206 -21.25 15.54 11.87
C GLY B 206 -22.24 14.57 11.24
N GLN B 207 -22.12 13.30 11.57
CA GLN B 207 -23.00 12.27 10.98
C GLN B 207 -24.34 12.19 11.70
N ASP B 208 -25.39 11.80 10.99
CA ASP B 208 -26.65 11.54 11.68
C ASP B 208 -26.74 10.05 12.02
N ASN B 209 -27.94 9.57 12.31
CA ASN B 209 -28.16 8.22 12.77
C ASN B 209 -28.29 7.19 11.66
N SER B 210 -28.02 7.59 10.42
CA SER B 210 -28.21 6.71 9.25
C SER B 210 -27.58 5.34 9.43
N LEU B 211 -26.36 5.31 9.96
CA LEU B 211 -25.64 4.04 10.04
C LEU B 211 -25.62 3.46 11.44
N ASN B 212 -26.61 3.81 12.25
CA ASN B 212 -26.70 3.24 13.60
C ASN B 212 -26.68 1.70 13.63
N PRO B 213 -27.36 1.02 12.67
CA PRO B 213 -27.23 -0.44 12.71
C PRO B 213 -25.81 -0.93 12.40
N PHE B 214 -25.03 -0.15 11.65
CA PHE B 214 -23.64 -0.52 11.39
C PHE B 214 -22.83 -0.39 12.68
N TYR B 215 -22.97 0.74 13.36
CA TYR B 215 -22.23 0.97 14.61
C TYR B 215 -22.67 0.00 15.70
N GLN B 216 -23.93 -0.40 15.65
CA GLN B 216 -24.41 -1.47 16.52
C GLN B 216 -23.66 -2.76 16.25
N TRP B 217 -23.58 -3.13 14.97
CA TRP B 217 -22.87 -4.34 14.57
C TRP B 217 -21.39 -4.26 14.95
N LYS B 218 -20.77 -3.09 14.79
CA LYS B 218 -19.36 -2.93 15.16
C LYS B 218 -19.14 -3.28 16.64
N ILE B 219 -20.09 -2.87 17.49
CA ILE B 219 -20.02 -3.16 18.91
C ILE B 219 -20.25 -4.64 19.24
N SER B 220 -21.30 -5.22 18.69
CA SER B 220 -21.76 -6.54 19.13
C SER B 220 -21.44 -7.68 18.18
N GLY B 221 -21.23 -7.38 16.90
CA GLY B 221 -21.05 -8.43 15.90
C GLY B 221 -22.35 -9.13 15.49
N LYS B 222 -23.47 -8.61 15.97
CA LYS B 222 -24.79 -9.18 15.67
C LYS B 222 -25.61 -8.22 14.84
N ALA B 223 -25.83 -8.58 13.59
CA ALA B 223 -26.40 -7.66 12.61
C ALA B 223 -27.92 -7.65 12.63
N ASP B 224 -28.50 -6.47 12.51
CA ASP B 224 -29.92 -6.32 12.21
C ASP B 224 -30.07 -6.45 10.70
N VAL B 225 -30.46 -7.62 10.23
CA VAL B 225 -30.41 -7.96 8.80
C VAL B 225 -31.62 -7.41 8.05
N LEU B 226 -31.39 -6.89 6.84
CA LEU B 226 -32.50 -6.52 5.95
C LEU B 226 -33.13 -7.77 5.36
N ILE B 227 -34.20 -8.26 6.01
CA ILE B 227 -34.93 -9.43 5.52
C ILE B 227 -36.18 -9.00 4.76
N ALA B 228 -36.27 -9.32 3.46
CA ALA B 228 -37.35 -8.78 2.62
C ALA B 228 -38.04 -9.88 1.79
N PRO B 229 -39.01 -10.58 2.38
CA PRO B 229 -39.68 -11.66 1.64
C PRO B 229 -40.41 -11.16 0.39
N SER B 230 -40.40 -11.97 -0.67
CA SER B 230 -40.99 -11.59 -1.95
C SER B 230 -42.51 -11.67 -1.92
N THR B 231 -43.16 -10.77 -2.66
CA THR B 231 -44.59 -10.87 -2.93
C THR B 231 -44.82 -11.87 -4.07
N LYS B 232 -45.99 -12.50 -4.06
CA LYS B 232 -46.32 -13.48 -5.10
C LYS B 232 -46.97 -12.80 -6.30
#